data_4JDI
#
_entry.id   4JDI
#
_cell.length_a   61.912
_cell.length_b   61.912
_cell.length_c   181.560
_cell.angle_alpha   90.00
_cell.angle_beta   90.00
_cell.angle_gamma   90.00
#
_symmetry.space_group_name_H-M   'P 41 21 2'
#
loop_
_entity.id
_entity.type
_entity.pdbx_description
1 polymer 'Serine/threonine-protein kinase PAK 4'
2 polymer 'Paktide S'
3 non-polymer 'PHOSPHOAMINOPHOSPHONIC ACID-ADENYLATE ESTER'
4 non-polymer 'MAGNESIUM ION'
5 water water
#
loop_
_entity_poly.entity_id
_entity_poly.type
_entity_poly.pdbx_seq_one_letter_code
_entity_poly.pdbx_strand_id
1 'polypeptide(L)'
;MGSSHHHHHHSSGLVPRGSHMENLYFQGARARQENGMPEKPPGPRSPQREPQRVSHEQFRAALQLVVDPGDPRSYLDNFI
KIGEGSTGIVCIATVRSSGKLVAVKKMDLRKQQRRELLFNEVVIMRDYQHENVVEMYNSYLVGDELWVVMEFLEGGALTD
IVTHTRMNEEQIAAVCLAVLQALSVLHAQGVIHRDIKSDSILLTHDGRVKLSDFGFCAQVSKEVPRRK(SEP)LVGTPYW
MAPELISRLPYGPEVDIWSLGIMVIEMVDGEPPYFNEPPLKAMKMIRDNLPPRLKNLHKVSPSLKGFLDRLLVRDPAQRA
TAAELLKHPFLAKAGPPASIVPLMRQNRTR
;
A
2 'polypeptide(L)' RRRRSWY B
#
loop_
_chem_comp.id
_chem_comp.type
_chem_comp.name
_chem_comp.formula
ANP non-polymer 'PHOSPHOAMINOPHOSPHONIC ACID-ADENYLATE ESTER' 'C10 H17 N6 O12 P3'
MG non-polymer 'MAGNESIUM ION' 'Mg 2'
#
# COMPACT_ATOMS: atom_id res chain seq x y z
N SER A 55 22.94 -6.52 19.81
CA SER A 55 21.72 -7.11 19.18
CA SER A 55 21.71 -7.09 19.19
C SER A 55 21.45 -6.50 17.81
N HIS A 56 21.94 -5.28 17.59
CA HIS A 56 21.87 -4.66 16.27
C HIS A 56 22.85 -5.39 15.35
N GLU A 57 24.04 -5.65 15.89
CA GLU A 57 25.05 -6.46 15.19
C GLU A 57 24.51 -7.86 14.89
N GLN A 58 23.82 -8.45 15.87
CA GLN A 58 23.17 -9.74 15.65
C GLN A 58 22.21 -9.70 14.47
N PHE A 59 21.36 -8.67 14.40
CA PHE A 59 20.40 -8.55 13.29
C PHE A 59 21.05 -8.26 11.94
N ARG A 60 22.05 -7.37 11.90
CA ARG A 60 22.79 -7.08 10.65
C ARG A 60 23.33 -8.36 10.03
N ALA A 61 23.91 -9.23 10.88
CA ALA A 61 24.46 -10.50 10.43
C ALA A 61 23.36 -11.40 9.82
N ALA A 62 22.21 -11.49 10.49
CA ALA A 62 21.06 -12.26 10.00
C ALA A 62 20.59 -11.79 8.62
N LEU A 63 20.41 -10.48 8.46
CA LEU A 63 20.01 -9.90 7.18
C LEU A 63 21.01 -10.18 6.06
N GLN A 64 22.30 -10.11 6.36
CA GLN A 64 23.34 -10.42 5.39
C GLN A 64 23.17 -11.80 4.74
N LEU A 65 22.64 -12.74 5.52
CA LEU A 65 22.44 -14.10 5.02
C LEU A 65 21.29 -14.22 4.05
N VAL A 66 20.37 -13.26 4.06
CA VAL A 66 19.14 -13.30 3.27
CA VAL A 66 19.18 -13.37 3.20
C VAL A 66 19.17 -12.40 2.02
N VAL A 67 19.98 -11.34 2.08
CA VAL A 67 20.01 -10.33 0.99
C VAL A 67 21.01 -10.74 -0.07
N ASP A 68 20.99 -10.05 -1.20
CA ASP A 68 21.99 -10.26 -2.24
C ASP A 68 23.35 -9.73 -1.79
N PRO A 69 24.44 -10.37 -2.23
CA PRO A 69 25.79 -9.89 -1.86
C PRO A 69 26.12 -8.60 -2.57
N GLY A 70 27.02 -7.81 -2.00
CA GLY A 70 27.51 -6.62 -2.69
C GLY A 70 26.85 -5.31 -2.30
N ASP A 71 27.01 -4.32 -3.18
CA ASP A 71 26.74 -2.93 -2.88
C ASP A 71 26.27 -2.27 -4.17
N PRO A 72 25.00 -1.83 -4.22
CA PRO A 72 24.50 -1.31 -5.48
C PRO A 72 25.08 0.07 -5.84
N ARG A 73 25.81 0.69 -4.91
CA ARG A 73 26.52 1.94 -5.20
C ARG A 73 27.56 1.71 -6.28
N SER A 74 27.96 0.45 -6.48
CA SER A 74 28.90 0.10 -7.54
C SER A 74 28.32 0.28 -8.94
N TYR A 75 26.99 0.21 -9.09
CA TYR A 75 26.36 0.29 -10.44
C TYR A 75 25.31 1.41 -10.61
N LEU A 76 25.05 2.15 -9.53
CA LEU A 76 24.06 3.24 -9.56
C LEU A 76 24.69 4.61 -9.35
N ASP A 77 24.19 5.62 -10.05
CA ASP A 77 24.65 7.01 -9.93
C ASP A 77 23.51 7.94 -9.53
N ASN A 78 23.88 9.11 -9.04
CA ASN A 78 22.96 10.25 -8.87
C ASN A 78 21.69 9.93 -8.08
N PHE A 79 21.91 9.48 -6.86
CA PHE A 79 20.83 9.24 -5.90
C PHE A 79 20.16 10.57 -5.54
N ILE A 80 18.85 10.64 -5.72
CA ILE A 80 18.07 11.83 -5.34
C ILE A 80 16.89 11.36 -4.51
N LYS A 81 16.76 11.89 -3.30
CA LYS A 81 15.63 11.54 -2.44
C LYS A 81 14.30 12.02 -3.04
N ILE A 82 13.34 11.11 -3.14
CA ILE A 82 12.02 11.47 -3.66
C ILE A 82 10.88 11.26 -2.67
N GLY A 83 11.14 10.50 -1.60
CA GLY A 83 10.09 10.19 -0.62
C GLY A 83 10.62 9.85 0.76
N GLU A 84 9.77 10.09 1.76
CA GLU A 84 10.06 9.75 3.15
C GLU A 84 8.94 8.84 3.60
N GLY A 85 9.28 7.62 3.99
CA GLY A 85 8.28 6.69 4.49
C GLY A 85 8.32 6.58 6.01
N SER A 86 7.48 5.69 6.52
CA SER A 86 7.42 5.44 7.96
C SER A 86 8.62 4.60 8.43
N THR A 87 9.23 3.85 7.51
CA THR A 87 10.36 2.96 7.84
C THR A 87 11.71 3.37 7.25
N GLY A 88 11.72 4.38 6.37
CA GLY A 88 12.97 4.88 5.81
C GLY A 88 12.70 5.87 4.69
N ILE A 89 13.66 6.00 3.78
CA ILE A 89 13.56 6.96 2.67
C ILE A 89 13.64 6.25 1.32
N VAL A 90 13.19 6.93 0.27
CA VAL A 90 13.17 6.38 -1.06
C VAL A 90 13.84 7.40 -1.99
N CYS A 91 14.83 6.90 -2.73
CA CYS A 91 15.60 7.68 -3.71
C CYS A 91 15.39 7.14 -5.11
N ILE A 92 15.53 8.01 -6.10
CA ILE A 92 15.68 7.58 -7.47
C ILE A 92 17.20 7.47 -7.71
N ALA A 93 17.60 6.57 -8.59
CA ALA A 93 19.00 6.43 -8.96
C ALA A 93 19.03 6.07 -10.42
N THR A 94 20.15 6.35 -11.06
CA THR A 94 20.35 6.05 -12.47
C THR A 94 21.27 4.85 -12.57
N VAL A 95 20.85 3.84 -13.34
CA VAL A 95 21.73 2.71 -13.67
C VAL A 95 22.78 3.19 -14.66
N ARG A 96 24.05 3.12 -14.25
CA ARG A 96 25.12 3.76 -15.02
C ARG A 96 25.23 3.21 -16.43
N SER A 97 25.12 1.88 -16.54
CA SER A 97 25.29 1.20 -17.82
CA SER A 97 25.30 1.22 -17.83
C SER A 97 24.15 1.48 -18.80
N SER A 98 22.94 1.60 -18.28
CA SER A 98 21.76 1.71 -19.11
C SER A 98 21.15 3.10 -19.22
N GLY A 99 21.38 3.95 -18.22
CA GLY A 99 20.65 5.21 -18.13
C GLY A 99 19.22 5.03 -17.62
N LYS A 100 18.82 3.79 -17.34
CA LYS A 100 17.49 3.52 -16.80
C LYS A 100 17.39 3.95 -15.34
N LEU A 101 16.17 4.25 -14.92
CA LEU A 101 15.97 4.74 -13.56
C LEU A 101 15.41 3.64 -12.70
N VAL A 102 15.87 3.58 -11.45
CA VAL A 102 15.31 2.66 -10.46
C VAL A 102 14.99 3.42 -9.20
N ALA A 103 14.21 2.80 -8.31
CA ALA A 103 13.95 3.35 -7.01
C ALA A 103 14.75 2.53 -6.00
N VAL A 104 15.23 3.20 -4.96
CA VAL A 104 15.98 2.54 -3.88
C VAL A 104 15.36 2.94 -2.53
N LYS A 105 14.78 1.96 -1.85
CA LYS A 105 14.23 2.14 -0.52
C LYS A 105 15.32 1.80 0.48
N LYS A 106 15.65 2.76 1.36
CA LYS A 106 16.72 2.59 2.33
C LYS A 106 16.13 2.65 3.72
N MET A 107 16.38 1.60 4.51
CA MET A 107 15.77 1.44 5.83
C MET A 107 16.85 1.13 6.85
N ASP A 108 16.99 2.03 7.84
CA ASP A 108 17.96 1.86 8.90
C ASP A 108 17.45 0.84 9.89
N LEU A 109 18.23 -0.20 10.09
CA LEU A 109 17.89 -1.26 11.02
C LEU A 109 17.67 -0.77 12.47
N ARG A 110 18.34 0.32 12.84
CA ARG A 110 18.25 0.85 14.22
C ARG A 110 17.00 1.67 14.48
N LYS A 111 16.28 2.02 13.43
CA LYS A 111 15.14 2.93 13.52
C LYS A 111 13.78 2.25 13.33
N GLN A 112 13.71 0.93 13.46
CA GLN A 112 12.44 0.21 13.26
C GLN A 112 11.77 -0.11 14.60
N GLN A 113 10.44 -0.07 14.64
CA GLN A 113 9.67 -0.55 15.81
C GLN A 113 9.86 -2.06 15.96
N ARG A 114 9.73 -2.78 14.85
CA ARG A 114 9.93 -4.21 14.85
C ARG A 114 10.88 -4.57 13.70
N ARG A 115 12.18 -4.68 14.00
CA ARG A 115 13.22 -4.99 13.00
C ARG A 115 12.93 -6.20 12.13
N GLU A 116 12.32 -7.22 12.73
CA GLU A 116 12.06 -8.44 11.98
C GLU A 116 11.07 -8.27 10.83
N LEU A 117 10.28 -7.19 10.85
N LEU A 117 10.29 -7.20 10.84
CA LEU A 117 9.40 -6.87 9.72
CA LEU A 117 9.40 -6.91 9.73
C LEU A 117 10.18 -6.57 8.44
C LEU A 117 10.16 -6.53 8.45
N LEU A 118 11.45 -6.20 8.58
CA LEU A 118 12.29 -5.91 7.39
C LEU A 118 12.43 -7.13 6.47
N PHE A 119 12.30 -8.32 7.03
CA PHE A 119 12.28 -9.53 6.20
C PHE A 119 11.16 -9.49 5.13
N ASN A 120 10.07 -8.79 5.40
CA ASN A 120 9.03 -8.59 4.38
C ASN A 120 9.56 -7.84 3.14
N GLU A 121 10.45 -6.88 3.37
CA GLU A 121 11.04 -6.05 2.30
C GLU A 121 12.01 -6.84 1.44
N VAL A 122 12.60 -7.89 2.02
CA VAL A 122 13.51 -8.79 1.30
C VAL A 122 12.76 -9.79 0.41
N VAL A 123 11.64 -10.34 0.89
CA VAL A 123 11.00 -11.50 0.23
C VAL A 123 9.60 -11.37 -0.43
N ILE A 124 8.78 -10.40 -0.04
CA ILE A 124 7.40 -10.36 -0.55
C ILE A 124 7.29 -9.96 -2.02
N MET A 125 7.82 -8.79 -2.37
CA MET A 125 7.83 -8.34 -3.77
C MET A 125 8.53 -9.36 -4.67
N ARG A 126 9.58 -10.01 -4.15
CA ARG A 126 10.33 -10.99 -4.97
C ARG A 126 9.59 -12.30 -5.21
N ASP A 127 8.73 -12.70 -4.27
CA ASP A 127 8.09 -14.02 -4.34
C ASP A 127 6.60 -13.98 -4.67
N TYR A 128 6.04 -12.78 -4.74
CA TYR A 128 4.61 -12.60 -5.01
C TYR A 128 4.40 -11.56 -6.12
N GLN A 129 4.95 -11.85 -7.31
CA GLN A 129 4.94 -10.92 -8.44
C GLN A 129 3.61 -10.90 -9.20
N HIS A 130 3.26 -9.74 -9.78
CA HIS A 130 1.96 -9.53 -10.42
C HIS A 130 1.98 -8.23 -11.22
N GLU A 131 1.17 -8.16 -12.28
CA GLU A 131 1.04 -6.94 -13.10
C GLU A 131 0.82 -5.67 -12.25
N ASN A 132 0.08 -5.81 -11.16
CA ASN A 132 -0.32 -4.66 -10.31
C ASN A 132 0.43 -4.60 -8.99
N VAL A 133 1.63 -5.16 -8.94
CA VAL A 133 2.46 -5.10 -7.75
C VAL A 133 3.86 -4.62 -8.18
N VAL A 134 4.42 -3.66 -7.45
CA VAL A 134 5.73 -3.10 -7.78
C VAL A 134 6.79 -4.22 -7.82
N GLU A 135 7.56 -4.28 -8.92
CA GLU A 135 8.60 -5.30 -9.07
C GLU A 135 9.83 -4.93 -8.22
N MET A 136 10.37 -5.88 -7.46
CA MET A 136 11.65 -5.65 -6.77
C MET A 136 12.76 -6.36 -7.55
N TYR A 137 13.94 -5.75 -7.59
CA TYR A 137 15.06 -6.33 -8.33
C TYR A 137 16.05 -7.04 -7.43
N ASN A 138 16.52 -6.34 -6.40
CA ASN A 138 17.58 -6.90 -5.53
C ASN A 138 17.49 -6.21 -4.17
N SER A 139 18.08 -6.85 -3.16
CA SER A 139 18.20 -6.25 -1.82
C SER A 139 19.63 -6.40 -1.34
N TYR A 140 20.08 -5.44 -0.52
CA TYR A 140 21.47 -5.38 -0.06
C TYR A 140 21.52 -4.86 1.36
N LEU A 141 22.58 -5.23 2.06
CA LEU A 141 22.90 -4.66 3.36
C LEU A 141 23.99 -3.65 3.10
N VAL A 142 23.71 -2.37 3.34
CA VAL A 142 24.68 -1.32 3.11
C VAL A 142 24.90 -0.59 4.43
N GLY A 143 26.03 -0.87 5.07
CA GLY A 143 26.33 -0.42 6.44
C GLY A 143 25.22 -0.86 7.38
N ASP A 144 24.52 0.11 7.95
CA ASP A 144 23.44 -0.18 8.90
C ASP A 144 22.04 -0.16 8.28
N GLU A 145 21.98 -0.16 6.94
CA GLU A 145 20.72 -0.01 6.23
C GLU A 145 20.41 -1.16 5.29
N LEU A 146 19.14 -1.56 5.25
CA LEU A 146 18.65 -2.44 4.20
C LEU A 146 18.26 -1.56 3.01
N TRP A 147 18.83 -1.86 1.84
CA TRP A 147 18.44 -1.20 0.59
C TRP A 147 17.75 -2.18 -0.34
N VAL A 148 16.57 -1.79 -0.82
CA VAL A 148 15.87 -2.55 -1.82
C VAL A 148 15.86 -1.74 -3.10
N VAL A 149 16.38 -2.32 -4.16
CA VAL A 149 16.38 -1.71 -5.49
C VAL A 149 15.16 -2.26 -6.21
N MET A 150 14.30 -1.36 -6.63
CA MET A 150 13.04 -1.76 -7.21
C MET A 150 12.67 -0.88 -8.40
N GLU A 151 11.64 -1.33 -9.11
CA GLU A 151 11.05 -0.61 -10.23
C GLU A 151 10.68 0.81 -9.79
N PHE A 152 11.02 1.80 -10.61
CA PHE A 152 10.65 3.19 -10.33
C PHE A 152 9.28 3.47 -10.94
N LEU A 153 8.33 3.86 -10.10
CA LEU A 153 6.98 4.22 -10.53
C LEU A 153 6.95 5.74 -10.69
N GLU A 154 7.28 6.20 -11.90
CA GLU A 154 7.55 7.62 -12.14
C GLU A 154 6.32 8.53 -12.03
N GLY A 155 5.13 7.94 -12.06
CA GLY A 155 3.91 8.70 -11.88
C GLY A 155 3.62 9.10 -10.45
N GLY A 156 4.40 8.59 -9.50
CA GLY A 156 4.25 8.95 -8.10
C GLY A 156 3.08 8.24 -7.44
N ALA A 157 2.67 8.75 -6.28
CA ALA A 157 1.68 8.08 -5.45
C ALA A 157 0.29 8.66 -5.70
N LEU A 158 -0.73 7.82 -5.50
CA LEU A 158 -2.12 8.23 -5.62
C LEU A 158 -2.48 9.36 -4.66
N THR A 159 -1.80 9.45 -3.52
CA THR A 159 -2.04 10.55 -2.59
C THR A 159 -1.94 11.93 -3.25
N ASP A 160 -0.94 12.12 -4.12
CA ASP A 160 -0.73 13.42 -4.75
C ASP A 160 -1.91 13.80 -5.65
N ILE A 161 -2.59 12.80 -6.18
CA ILE A 161 -3.79 13.05 -7.00
C ILE A 161 -5.02 13.34 -6.14
N VAL A 162 -5.25 12.49 -5.13
CA VAL A 162 -6.47 12.65 -4.35
C VAL A 162 -6.50 13.93 -3.53
N THR A 163 -5.33 14.43 -3.17
CA THR A 163 -5.26 15.67 -2.38
C THR A 163 -5.31 16.94 -3.26
N HIS A 164 -5.15 16.77 -4.58
CA HIS A 164 -5.07 17.92 -5.50
C HIS A 164 -6.11 17.99 -6.61
N THR A 165 -6.79 16.89 -6.94
CA THR A 165 -7.85 16.93 -7.94
C THR A 165 -9.00 16.02 -7.60
N ARG A 166 -10.03 16.07 -8.43
CA ARG A 166 -11.19 15.20 -8.26
C ARG A 166 -11.19 14.15 -9.34
N MET A 167 -11.29 12.90 -8.92
CA MET A 167 -11.37 11.77 -9.83
C MET A 167 -12.83 11.51 -10.20
N ASN A 168 -13.06 11.16 -11.46
CA ASN A 168 -14.38 10.73 -11.88
C ASN A 168 -14.54 9.22 -11.66
N GLU A 169 -15.71 8.66 -11.92
CA GLU A 169 -15.90 7.28 -11.51
C GLU A 169 -15.24 6.23 -12.41
N GLU A 170 -15.00 6.58 -13.65
CA GLU A 170 -14.16 5.78 -14.54
C GLU A 170 -12.74 5.62 -13.97
N GLN A 171 -12.19 6.72 -13.43
CA GLN A 171 -10.87 6.72 -12.84
C GLN A 171 -10.86 5.94 -11.51
N ILE A 172 -11.84 6.18 -10.66
CA ILE A 172 -11.95 5.48 -9.35
C ILE A 172 -12.07 3.98 -9.59
N ALA A 173 -12.92 3.59 -10.54
CA ALA A 173 -13.09 2.16 -10.87
C ALA A 173 -11.81 1.51 -11.42
N ALA A 174 -11.10 2.23 -12.29
CA ALA A 174 -9.80 1.76 -12.78
C ALA A 174 -8.81 1.50 -11.63
N VAL A 175 -8.72 2.44 -10.68
CA VAL A 175 -7.86 2.24 -9.49
C VAL A 175 -8.33 1.03 -8.68
N CYS A 176 -9.63 0.96 -8.39
CA CYS A 176 -10.16 -0.13 -7.57
C CYS A 176 -9.95 -1.49 -8.24
N LEU A 177 -10.18 -1.55 -9.55
CA LEU A 177 -9.97 -2.80 -10.28
C LEU A 177 -8.50 -3.29 -10.20
N ALA A 178 -7.56 -2.39 -10.43
CA ALA A 178 -6.14 -2.71 -10.36
C ALA A 178 -5.76 -3.22 -8.96
N VAL A 179 -6.19 -2.48 -7.94
CA VAL A 179 -5.89 -2.86 -6.54
C VAL A 179 -6.51 -4.21 -6.16
N LEU A 180 -7.78 -4.41 -6.53
CA LEU A 180 -8.44 -5.70 -6.26
C LEU A 180 -7.85 -6.89 -6.99
N GLN A 181 -7.32 -6.66 -8.21
CA GLN A 181 -6.66 -7.75 -8.91
C GLN A 181 -5.42 -8.19 -8.10
N ALA A 182 -4.63 -7.23 -7.62
CA ALA A 182 -3.47 -7.51 -6.79
C ALA A 182 -3.89 -8.21 -5.50
N LEU A 183 -4.88 -7.67 -4.81
CA LEU A 183 -5.31 -8.26 -3.54
C LEU A 183 -5.89 -9.65 -3.70
N SER A 184 -6.64 -9.91 -4.77
CA SER A 184 -7.21 -11.24 -4.95
C SER A 184 -6.10 -12.29 -5.04
N VAL A 185 -5.00 -11.96 -5.71
CA VAL A 185 -3.87 -12.89 -5.87
C VAL A 185 -3.11 -13.01 -4.55
N LEU A 186 -2.87 -11.89 -3.89
CA LEU A 186 -2.13 -11.91 -2.62
C LEU A 186 -2.93 -12.66 -1.57
N HIS A 187 -4.22 -12.36 -1.48
CA HIS A 187 -5.07 -12.98 -0.44
C HIS A 187 -5.24 -14.48 -0.65
N ALA A 188 -5.28 -14.90 -1.92
CA ALA A 188 -5.36 -16.34 -2.21
C ALA A 188 -4.15 -17.08 -1.68
N GLN A 189 -3.02 -16.37 -1.58
CA GLN A 189 -1.77 -16.95 -1.08
C GLN A 189 -1.53 -16.65 0.40
N GLY A 190 -2.54 -16.09 1.06
CA GLY A 190 -2.49 -15.80 2.49
C GLY A 190 -1.69 -14.57 2.87
N VAL A 191 -1.35 -13.72 1.88
CA VAL A 191 -0.63 -12.50 2.19
C VAL A 191 -1.61 -11.36 2.45
N ILE A 192 -1.49 -10.74 3.62
CA ILE A 192 -2.31 -9.57 3.95
C ILE A 192 -1.38 -8.37 3.89
N HIS A 193 -1.79 -7.32 3.17
CA HIS A 193 -0.90 -6.15 2.99
C HIS A 193 -0.78 -5.32 4.27
N ARG A 194 -1.95 -5.03 4.86
CA ARG A 194 -2.12 -4.33 6.14
C ARG A 194 -1.82 -2.82 6.16
N ASP A 195 -1.51 -2.22 5.02
CA ASP A 195 -1.33 -0.78 5.00
C ASP A 195 -1.86 -0.17 3.71
N ILE A 196 -3.05 -0.64 3.29
CA ILE A 196 -3.75 -0.10 2.11
C ILE A 196 -4.20 1.34 2.42
N LYS A 197 -3.77 2.26 1.57
CA LYS A 197 -4.15 3.68 1.60
C LYS A 197 -3.61 4.28 0.30
N SER A 198 -4.01 5.50 -0.04
CA SER A 198 -3.55 6.08 -1.31
C SER A 198 -2.02 6.19 -1.40
N ASP A 199 -1.38 6.39 -0.24
CA ASP A 199 0.09 6.48 -0.18
C ASP A 199 0.78 5.19 -0.65
N SER A 200 0.09 4.05 -0.57
CA SER A 200 0.65 2.75 -1.00
C SER A 200 0.40 2.38 -2.45
N ILE A 201 -0.34 3.23 -3.17
CA ILE A 201 -0.70 2.96 -4.56
C ILE A 201 0.14 3.88 -5.43
N LEU A 202 0.97 3.28 -6.29
CA LEU A 202 1.86 4.03 -7.17
C LEU A 202 1.45 3.89 -8.62
N LEU A 203 1.89 4.84 -9.44
N LEU A 203 1.85 4.87 -9.44
CA LEU A 203 1.48 4.94 -10.83
CA LEU A 203 1.44 4.92 -10.83
C LEU A 203 2.66 5.00 -11.78
C LEU A 203 2.64 5.01 -11.78
N THR A 204 2.47 4.46 -12.98
CA THR A 204 3.42 4.63 -14.08
C THR A 204 3.05 5.91 -14.84
N HIS A 205 3.94 6.39 -15.71
CA HIS A 205 3.65 7.56 -16.54
C HIS A 205 2.41 7.36 -17.41
N ASP A 206 2.14 6.11 -17.79
CA ASP A 206 1.02 5.82 -18.68
C ASP A 206 -0.23 5.32 -17.94
N GLY A 207 -0.28 5.58 -16.62
CA GLY A 207 -1.49 5.40 -15.82
C GLY A 207 -1.77 4.01 -15.27
N ARG A 208 -0.78 3.12 -15.36
CA ARG A 208 -0.91 1.80 -14.74
C ARG A 208 -0.75 1.92 -13.23
N VAL A 209 -1.51 1.11 -12.50
CA VAL A 209 -1.66 1.29 -11.06
C VAL A 209 -1.03 0.08 -10.37
N LYS A 210 -0.15 0.31 -9.40
CA LYS A 210 0.55 -0.81 -8.74
C LYS A 210 0.59 -0.67 -7.23
N LEU A 211 0.42 -1.80 -6.55
CA LEU A 211 0.48 -1.84 -5.09
C LEU A 211 1.93 -1.88 -4.62
N SER A 212 2.26 -1.09 -3.60
CA SER A 212 3.63 -1.00 -3.09
C SER A 212 3.61 -1.07 -1.57
N ASP A 213 4.79 -1.05 -0.99
CA ASP A 213 5.01 -0.94 0.45
C ASP A 213 4.46 -2.13 1.24
N PHE A 214 5.13 -3.26 1.10
CA PHE A 214 4.75 -4.47 1.80
C PHE A 214 5.50 -4.67 3.11
N GLY A 215 6.16 -3.61 3.59
CA GLY A 215 6.96 -3.69 4.83
C GLY A 215 6.22 -4.20 6.06
N PHE A 216 4.90 -3.98 6.13
CA PHE A 216 4.11 -4.37 7.29
C PHE A 216 3.15 -5.52 7.04
N CYS A 217 3.36 -6.23 5.94
CA CYS A 217 2.47 -7.34 5.59
C CYS A 217 2.63 -8.55 6.54
N ALA A 218 1.70 -9.49 6.45
CA ALA A 218 1.80 -10.73 7.22
C ALA A 218 1.20 -11.87 6.42
N GLN A 219 1.52 -13.09 6.84
CA GLN A 219 0.98 -14.27 6.16
C GLN A 219 0.05 -15.05 7.08
N VAL A 220 -1.08 -15.49 6.52
CA VAL A 220 -1.96 -16.47 7.16
C VAL A 220 -1.95 -17.80 6.40
N SER A 221 -2.33 -18.86 7.09
CA SER A 221 -2.26 -20.22 6.57
C SER A 221 -3.11 -21.10 7.44
N LYS A 222 -3.24 -22.39 7.10
CA LYS A 222 -3.98 -23.35 7.92
C LYS A 222 -3.50 -23.36 9.37
N GLU A 223 -2.19 -23.30 9.57
CA GLU A 223 -1.59 -23.36 10.91
C GLU A 223 -1.63 -22.01 11.67
N VAL A 224 -1.71 -20.91 10.93
CA VAL A 224 -1.85 -19.59 11.55
C VAL A 224 -2.97 -18.87 10.81
N PRO A 225 -4.22 -19.18 11.16
CA PRO A 225 -5.31 -18.69 10.31
C PRO A 225 -5.60 -17.20 10.45
N ARG A 226 -5.14 -16.57 11.54
CA ARG A 226 -5.40 -15.15 11.77
C ARG A 226 -4.16 -14.45 12.32
N ARG A 227 -4.09 -13.13 12.13
CA ARG A 227 -3.09 -12.28 12.74
C ARG A 227 -3.67 -11.51 13.91
N LYS A 228 -2.80 -10.98 14.78
CA LYS A 228 -3.23 -10.24 15.95
C LYS A 228 -2.57 -8.87 16.09
N SEP A 229 -1.54 -8.58 15.30
CA SEP A 229 -0.71 -7.38 15.50
CB SEP A 229 0.59 -7.46 14.71
OG SEP A 229 1.27 -8.69 15.03
C SEP A 229 -1.46 -6.10 15.19
O SEP A 229 -2.22 -6.03 14.21
P SEP A 229 1.60 -9.66 13.80
O1P SEP A 229 2.21 -10.85 14.48
O2P SEP A 229 0.27 -9.97 13.14
O3P SEP A 229 2.50 -8.85 12.89
N LEU A 230 -1.24 -5.08 16.03
CA LEU A 230 -1.76 -3.73 15.77
C LEU A 230 -0.86 -3.04 14.72
N VAL A 231 -1.33 -2.98 13.48
CA VAL A 231 -0.49 -2.56 12.34
C VAL A 231 -1.36 -1.79 11.34
N GLY A 232 -0.78 -0.79 10.70
CA GLY A 232 -1.49 -0.01 9.69
C GLY A 232 -1.36 1.47 9.93
N THR A 233 -2.25 2.24 9.34
CA THR A 233 -2.28 3.68 9.53
C THR A 233 -3.65 4.00 10.12
N PRO A 234 -3.68 4.66 11.31
CA PRO A 234 -4.86 4.80 12.15
C PRO A 234 -6.18 5.00 11.39
N TYR A 235 -6.25 6.02 10.54
CA TYR A 235 -7.49 6.37 9.82
C TYR A 235 -8.00 5.30 8.88
N TRP A 236 -7.11 4.40 8.43
CA TRP A 236 -7.44 3.36 7.46
C TRP A 236 -7.68 1.98 8.09
N MET A 237 -7.41 1.85 9.39
CA MET A 237 -7.48 0.54 10.06
C MET A 237 -8.90 -0.03 10.19
N ALA A 238 -9.01 -1.34 9.97
CA ALA A 238 -10.28 -2.06 10.12
C ALA A 238 -10.75 -2.05 11.58
N PRO A 239 -12.07 -2.01 11.82
CA PRO A 239 -12.58 -2.03 13.22
C PRO A 239 -12.17 -3.26 14.02
N GLU A 240 -12.19 -4.44 13.40
CA GLU A 240 -11.82 -5.66 14.15
C GLU A 240 -10.34 -5.63 14.55
N LEU A 241 -9.50 -5.04 13.70
CA LEU A 241 -8.08 -4.84 14.01
C LEU A 241 -7.89 -3.85 15.16
N ILE A 242 -8.54 -2.70 15.10
CA ILE A 242 -8.57 -1.77 16.26
C ILE A 242 -9.11 -2.41 17.56
N SER A 243 -10.12 -3.27 17.44
CA SER A 243 -10.70 -3.97 18.60
C SER A 243 -9.80 -5.08 19.14
N ARG A 244 -8.66 -5.29 18.49
CA ARG A 244 -7.70 -6.35 18.83
C ARG A 244 -8.27 -7.76 18.71
N LEU A 245 -9.17 -7.97 17.77
CA LEU A 245 -9.66 -9.31 17.47
C LEU A 245 -8.73 -9.97 16.45
N PRO A 246 -8.61 -11.32 16.49
CA PRO A 246 -7.81 -11.97 15.44
C PRO A 246 -8.44 -11.67 14.08
N TYR A 247 -7.62 -11.32 13.09
CA TYR A 247 -8.15 -10.86 11.80
C TYR A 247 -7.42 -11.52 10.65
N GLY A 248 -8.03 -11.40 9.46
CA GLY A 248 -7.45 -11.91 8.24
C GLY A 248 -7.40 -10.92 7.08
N PRO A 249 -7.39 -11.44 5.84
CA PRO A 249 -7.28 -10.59 4.65
C PRO A 249 -8.38 -9.52 4.55
N GLU A 250 -9.49 -9.74 5.27
CA GLU A 250 -10.64 -8.81 5.27
C GLU A 250 -10.23 -7.38 5.63
N VAL A 251 -9.20 -7.24 6.47
CA VAL A 251 -8.77 -5.88 6.88
C VAL A 251 -8.35 -4.99 5.69
N ASP A 252 -7.76 -5.60 4.68
CA ASP A 252 -7.35 -4.90 3.47
C ASP A 252 -8.56 -4.36 2.70
N ILE A 253 -9.68 -5.09 2.74
CA ILE A 253 -10.91 -4.67 2.05
C ILE A 253 -11.53 -3.43 2.72
N TRP A 254 -11.59 -3.44 4.05
CA TRP A 254 -12.00 -2.26 4.80
C TRP A 254 -11.12 -1.05 4.44
N SER A 255 -9.80 -1.24 4.50
CA SER A 255 -8.84 -0.15 4.20
C SER A 255 -9.03 0.35 2.78
N LEU A 256 -9.34 -0.55 1.85
CA LEU A 256 -9.66 -0.13 0.48
C LEU A 256 -10.91 0.76 0.45
N GLY A 257 -11.92 0.44 1.25
CA GLY A 257 -13.10 1.30 1.34
C GLY A 257 -12.73 2.71 1.82
N ILE A 258 -11.80 2.79 2.76
CA ILE A 258 -11.35 4.09 3.25
C ILE A 258 -10.60 4.83 2.14
N MET A 259 -9.82 4.11 1.34
CA MET A 259 -9.20 4.74 0.18
C MET A 259 -10.22 5.24 -0.86
N VAL A 260 -11.32 4.51 -1.03
CA VAL A 260 -12.39 4.99 -1.93
C VAL A 260 -12.93 6.34 -1.43
N ILE A 261 -13.08 6.46 -0.11
CA ILE A 261 -13.49 7.72 0.50
C ILE A 261 -12.46 8.81 0.25
N GLU A 262 -11.17 8.46 0.35
CA GLU A 262 -10.09 9.39 -0.05
C GLU A 262 -10.28 9.86 -1.49
N MET A 263 -10.60 8.93 -2.39
CA MET A 263 -10.70 9.31 -3.81
C MET A 263 -11.90 10.23 -4.07
N VAL A 264 -12.94 10.05 -3.27
CA VAL A 264 -14.14 10.87 -3.43
C VAL A 264 -14.00 12.21 -2.70
N ASP A 265 -13.59 12.16 -1.44
CA ASP A 265 -13.58 13.31 -0.52
C ASP A 265 -12.23 14.02 -0.38
N GLY A 266 -11.13 13.37 -0.77
CA GLY A 266 -9.81 13.98 -0.62
C GLY A 266 -9.06 13.52 0.63
N GLU A 267 -9.80 13.03 1.62
CA GLU A 267 -9.20 12.59 2.88
C GLU A 267 -10.04 11.45 3.47
N PRO A 268 -9.43 10.62 4.35
CA PRO A 268 -10.18 9.56 5.05
C PRO A 268 -11.10 10.17 6.11
N PRO A 269 -12.03 9.38 6.67
CA PRO A 269 -12.92 9.96 7.70
C PRO A 269 -12.15 10.28 8.99
N TYR A 270 -12.67 11.26 9.74
CA TYR A 270 -12.11 11.69 11.03
C TYR A 270 -10.67 12.19 10.92
N PHE A 271 -10.28 12.62 9.73
CA PHE A 271 -8.88 12.99 9.46
C PHE A 271 -8.37 14.17 10.28
N ASN A 272 -9.28 15.05 10.68
CA ASN A 272 -8.93 16.19 11.56
C ASN A 272 -8.88 15.81 13.05
N GLU A 273 -9.28 14.60 13.39
CA GLU A 273 -9.18 14.11 14.78
C GLU A 273 -7.77 13.57 15.05
N PRO A 274 -7.30 13.65 16.31
CA PRO A 274 -6.07 12.93 16.65
C PRO A 274 -6.20 11.43 16.35
N PRO A 275 -5.10 10.78 15.89
CA PRO A 275 -5.20 9.37 15.45
C PRO A 275 -5.92 8.47 16.45
N LEU A 276 -5.53 8.55 17.73
CA LEU A 276 -6.13 7.74 18.79
C LEU A 276 -7.63 7.93 18.90
N LYS A 277 -8.08 9.17 18.75
CA LYS A 277 -9.51 9.49 18.78
C LYS A 277 -10.22 8.96 17.55
N ALA A 278 -9.58 9.08 16.39
CA ALA A 278 -10.13 8.53 15.16
C ALA A 278 -10.34 7.01 15.27
N MET A 279 -9.35 6.33 15.83
CA MET A 279 -9.43 4.88 16.03
C MET A 279 -10.58 4.48 16.96
N LYS A 280 -10.73 5.21 18.07
CA LYS A 280 -11.86 4.99 18.97
C LYS A 280 -13.19 5.09 18.21
N MET A 281 -13.29 6.10 17.36
CA MET A 281 -14.50 6.35 16.58
C MET A 281 -14.76 5.27 15.53
N ILE A 282 -13.70 4.79 14.89
CA ILE A 282 -13.81 3.69 13.94
C ILE A 282 -14.27 2.43 14.67
N ARG A 283 -13.62 2.14 15.78
CA ARG A 283 -13.97 0.98 16.61
C ARG A 283 -15.44 0.99 17.03
N ASP A 284 -15.90 2.14 17.53
CA ASP A 284 -17.22 2.22 18.20
C ASP A 284 -18.41 2.64 17.34
N ASN A 285 -18.15 3.30 16.22
CA ASN A 285 -19.24 3.88 15.43
C ASN A 285 -19.72 3.04 14.25
N LEU A 286 -20.88 3.41 13.72
CA LEU A 286 -21.37 2.85 12.46
C LEU A 286 -20.33 3.16 11.39
N PRO A 287 -20.30 2.36 10.30
CA PRO A 287 -19.30 2.64 9.28
C PRO A 287 -19.29 4.12 8.89
N PRO A 288 -18.09 4.66 8.58
CA PRO A 288 -17.99 6.08 8.23
C PRO A 288 -18.70 6.40 6.93
N ARG A 289 -19.25 7.60 6.85
CA ARG A 289 -20.03 8.04 5.71
C ARG A 289 -19.23 8.98 4.82
N LEU A 290 -19.54 8.99 3.53
CA LEU A 290 -18.97 9.96 2.61
C LEU A 290 -19.42 11.37 3.01
N LYS A 291 -18.53 12.34 2.87
CA LYS A 291 -18.89 13.72 3.13
C LYS A 291 -19.91 14.20 2.09
N ASN A 292 -19.80 13.71 0.86
CA ASN A 292 -20.73 14.13 -0.18
C ASN A 292 -21.36 12.95 -0.94
N LEU A 293 -22.39 12.36 -0.34
CA LEU A 293 -23.09 11.25 -0.95
C LEU A 293 -23.70 11.56 -2.33
N HIS A 294 -24.09 12.82 -2.57
CA HIS A 294 -24.66 13.23 -3.88
C HIS A 294 -23.61 13.25 -4.99
N LYS A 295 -22.35 13.14 -4.61
CA LYS A 295 -21.27 13.16 -5.58
C LYS A 295 -20.83 11.76 -6.01
N VAL A 296 -21.56 10.73 -5.56
CA VAL A 296 -21.29 9.36 -5.98
C VAL A 296 -22.54 8.70 -6.56
N SER A 297 -22.34 7.83 -7.54
CA SER A 297 -23.45 7.13 -8.18
C SER A 297 -24.01 6.04 -7.27
N PRO A 298 -25.26 5.61 -7.50
CA PRO A 298 -25.74 4.47 -6.70
C PRO A 298 -24.84 3.25 -6.83
N SER A 299 -24.24 3.07 -8.02
CA SER A 299 -23.28 1.98 -8.26
C SER A 299 -22.05 2.04 -7.34
N LEU A 300 -21.47 3.23 -7.23
N LEU A 300 -21.44 3.22 -7.24
CA LEU A 300 -20.28 3.45 -6.38
CA LEU A 300 -20.28 3.40 -6.37
C LEU A 300 -20.62 3.36 -4.90
C LEU A 300 -20.70 3.20 -4.93
N LYS A 301 -21.83 3.80 -4.54
CA LYS A 301 -22.33 3.66 -3.16
C LYS A 301 -22.56 2.17 -2.80
N GLY A 302 -23.15 1.41 -3.72
CA GLY A 302 -23.37 -0.03 -3.53
C GLY A 302 -22.07 -0.79 -3.38
N PHE A 303 -21.06 -0.40 -4.17
CA PHE A 303 -19.71 -0.96 -4.08
C PHE A 303 -19.11 -0.69 -2.70
N LEU A 304 -19.06 0.58 -2.32
CA LEU A 304 -18.54 1.01 -1.01
C LEU A 304 -19.24 0.29 0.15
N ASP A 305 -20.54 0.05 -0.01
CA ASP A 305 -21.33 -0.65 1.00
C ASP A 305 -20.90 -2.10 1.20
N ARG A 306 -20.19 -2.67 0.23
CA ARG A 306 -19.66 -4.02 0.37
C ARG A 306 -18.27 -4.04 1.05
N LEU A 307 -17.60 -2.89 1.08
CA LEU A 307 -16.25 -2.76 1.68
C LEU A 307 -16.33 -2.34 3.14
N LEU A 308 -17.10 -1.30 3.42
CA LEU A 308 -17.18 -0.75 4.78
C LEU A 308 -18.25 -1.46 5.62
N VAL A 309 -18.08 -2.77 5.78
CA VAL A 309 -18.96 -3.61 6.60
C VAL A 309 -18.20 -3.93 7.90
N ARG A 310 -18.79 -3.58 9.03
CA ARG A 310 -18.11 -3.77 10.32
C ARG A 310 -17.75 -5.22 10.63
N ASP A 311 -18.71 -6.13 10.39
CA ASP A 311 -18.50 -7.56 10.57
C ASP A 311 -17.66 -8.18 9.45
N PRO A 312 -16.39 -8.56 9.74
CA PRO A 312 -15.52 -9.10 8.70
C PRO A 312 -16.06 -10.34 7.96
N ALA A 313 -16.94 -11.11 8.61
CA ALA A 313 -17.56 -12.27 7.97
C ALA A 313 -18.58 -11.88 6.86
N GLN A 314 -19.05 -10.64 6.90
CA GLN A 314 -20.07 -10.18 5.95
C GLN A 314 -19.51 -9.23 4.89
N ARG A 315 -18.28 -8.77 5.11
CA ARG A 315 -17.55 -7.95 4.15
C ARG A 315 -17.27 -8.76 2.89
N ALA A 316 -17.39 -8.13 1.72
CA ALA A 316 -17.03 -8.79 0.48
C ALA A 316 -15.53 -9.16 0.43
N THR A 317 -15.19 -10.27 -0.22
CA THR A 317 -13.79 -10.62 -0.48
C THR A 317 -13.31 -9.95 -1.76
N ALA A 318 -11.99 -9.84 -1.95
CA ALA A 318 -11.45 -9.33 -3.21
C ALA A 318 -11.99 -10.12 -4.41
N ALA A 319 -11.98 -11.46 -4.30
CA ALA A 319 -12.50 -12.30 -5.39
C ALA A 319 -13.95 -11.94 -5.76
N GLU A 320 -14.78 -11.67 -4.76
CA GLU A 320 -16.19 -11.33 -4.96
C GLU A 320 -16.34 -9.94 -5.58
N LEU A 321 -15.53 -9.00 -5.11
CA LEU A 321 -15.59 -7.63 -5.57
C LEU A 321 -15.17 -7.45 -7.03
N LEU A 322 -14.30 -8.34 -7.53
CA LEU A 322 -13.92 -8.31 -8.94
C LEU A 322 -15.13 -8.50 -9.88
N LYS A 323 -16.20 -9.10 -9.35
CA LYS A 323 -17.44 -9.28 -10.12
C LYS A 323 -18.46 -8.16 -9.94
N HIS A 324 -18.15 -7.16 -9.12
CA HIS A 324 -19.13 -6.09 -8.83
C HIS A 324 -19.37 -5.18 -10.03
N PRO A 325 -20.66 -4.86 -10.34
CA PRO A 325 -20.96 -4.03 -11.51
C PRO A 325 -20.30 -2.65 -11.52
N PHE A 326 -19.95 -2.11 -10.36
CA PHE A 326 -19.19 -0.84 -10.34
C PHE A 326 -17.89 -0.87 -11.14
N LEU A 327 -17.19 -2.00 -11.11
CA LEU A 327 -15.92 -2.14 -11.83
C LEU A 327 -16.08 -2.16 -13.36
N ALA A 328 -17.30 -2.35 -13.85
CA ALA A 328 -17.58 -2.29 -15.29
C ALA A 328 -17.27 -0.90 -15.85
N LYS A 329 -17.23 0.09 -14.96
CA LYS A 329 -16.97 1.48 -15.32
C LYS A 329 -15.49 1.79 -15.51
N ALA A 330 -14.61 0.86 -15.12
CA ALA A 330 -13.17 1.13 -15.09
C ALA A 330 -12.65 1.57 -16.45
N GLY A 331 -11.94 2.69 -16.50
CA GLY A 331 -11.29 3.09 -17.73
C GLY A 331 -9.96 2.37 -17.90
N PRO A 332 -9.36 2.51 -19.10
CA PRO A 332 -8.00 2.03 -19.35
C PRO A 332 -7.00 2.86 -18.54
N PRO A 333 -5.74 2.41 -18.44
CA PRO A 333 -4.72 3.24 -17.78
C PRO A 333 -4.64 4.66 -18.35
N ALA A 334 -4.86 4.83 -19.65
CA ALA A 334 -4.86 6.18 -20.23
C ALA A 334 -5.79 7.18 -19.50
N SER A 335 -6.91 6.68 -18.96
CA SER A 335 -7.91 7.57 -18.34
C SER A 335 -7.35 8.22 -17.05
N ILE A 336 -6.32 7.57 -16.47
CA ILE A 336 -5.58 8.02 -15.28
C ILE A 336 -4.53 9.10 -15.56
N VAL A 337 -3.89 9.03 -16.73
CA VAL A 337 -2.78 9.93 -17.11
C VAL A 337 -2.97 11.45 -16.83
N PRO A 338 -4.12 12.04 -17.22
CA PRO A 338 -4.24 13.49 -17.00
C PRO A 338 -4.32 13.94 -15.52
N LEU A 339 -4.54 12.99 -14.60
CA LEU A 339 -4.62 13.31 -13.16
C LEU A 339 -3.25 13.63 -12.55
N MET A 340 -2.20 13.12 -13.16
CA MET A 340 -0.85 13.22 -12.56
C MET A 340 -0.27 14.63 -12.67
N ARG A 341 0.60 14.95 -11.72
CA ARG A 341 1.15 16.32 -11.59
C ARG A 341 1.75 16.85 -12.89
N GLN A 342 2.54 16.01 -13.56
CA GLN A 342 3.20 16.44 -14.80
C GLN A 342 2.23 16.78 -15.93
N ASN A 343 0.96 16.40 -15.77
CA ASN A 343 -0.05 16.65 -16.81
C ASN A 343 -1.20 17.59 -16.47
N ARG A 344 -1.49 17.80 -15.19
CA ARG A 344 -2.69 18.58 -14.85
C ARG A 344 -2.51 20.11 -14.90
N ARG B 1 -3.88 15.15 11.43
CA ARG B 1 -3.90 14.83 9.98
C ARG B 1 -2.66 14.04 9.54
N ARG B 2 -2.16 13.14 10.39
CA ARG B 2 -0.90 12.45 10.07
C ARG B 2 -1.15 11.16 9.28
N ARG B 3 -0.27 10.92 8.32
CA ARG B 3 -0.36 9.79 7.40
C ARG B 3 0.63 8.66 7.75
N ARG B 4 1.37 8.82 8.86
CA ARG B 4 2.38 7.80 9.21
C ARG B 4 1.77 6.46 9.60
N SER B 5 2.39 5.37 9.15
CA SER B 5 2.00 4.02 9.57
C SER B 5 2.35 3.75 11.03
N TRP B 6 1.67 2.74 11.61
CA TRP B 6 1.96 2.28 12.97
C TRP B 6 2.36 0.80 12.96
PB ANP C . 7.47 3.11 4.13
O1B ANP C . 7.16 1.65 4.20
O2B ANP C . 8.83 3.37 4.96
N3B ANP C . 6.15 4.04 4.76
PA ANP C . 7.03 3.64 1.33
O1A ANP C . 7.13 2.34 0.55
O2A ANP C . 5.67 4.20 1.68
O3A ANP C . 7.92 3.55 2.65
O5' ANP C . 7.84 4.77 0.52
C5' ANP C . 7.76 6.14 0.91
C4' ANP C . 7.36 7.00 -0.29
O4' ANP C . 8.38 6.96 -1.31
C3' ANP C . 6.12 6.52 -1.01
O3' ANP C . 4.92 6.93 -0.33
C2' ANP C . 6.27 7.02 -2.44
O2' ANP C . 5.92 8.40 -2.60
C1' ANP C . 7.77 6.91 -2.63
N9 ANP C . 8.06 5.59 -3.27
C8 ANP C . 8.19 4.39 -2.63
N7 ANP C . 8.46 3.40 -3.50
C5 ANP C . 8.50 3.96 -4.73
C6 ANP C . 8.75 3.45 -6.10
N6 ANP C . 9.00 2.13 -6.30
N1 ANP C . 8.71 4.35 -7.12
C2 ANP C . 8.46 5.66 -6.90
N3 ANP C . 8.23 6.19 -5.68
C4 ANP C . 8.24 5.39 -4.58
MG MG D . 4.45 4.39 3.50
MG MG E . 5.47 0.69 4.77
#